data_2GD9
#
_entry.id   2GD9
#
_cell.length_a   64.915
_cell.length_b   64.915
_cell.length_c   143.648
_cell.angle_alpha   90.000
_cell.angle_beta   90.000
_cell.angle_gamma   90.000
#
_symmetry.space_group_name_H-M   'P 43'
#
loop_
_entity.id
_entity.type
_entity.pdbx_description
1 polymer 'Hypothetical protein yyaP'
2 non-polymer 'CHLORIDE ION'
3 non-polymer 'PHOSPHATE ION'
4 non-polymer 1,2-ETHANEDIOL
5 water water
#
_entity_poly.entity_id   1
_entity_poly.type   'polypeptide(L)'
_entity_poly.pdbx_seq_one_letter_code
;G(MSE)TNNLKQRRIILDLAVTLDGFIEGKNGEVDWCI(MSE)DPD(MSE)GFTDFLNQIDTILYGRKSFDLWGQYIPKN
EDPDTEKELWKLVHSKKKYVFSRTQNEIDNQAIFINDNILEEVNKLKKNPGKDIWLYGGASLITTFINLGLVDEFRLSIH
PVVLGEGKPLFIDVKQRINLK(MSE)VNTRTFSSGVVQIVYHWNG
;
_entity_poly.pdbx_strand_id   A,B
#
loop_
_chem_comp.id
_chem_comp.type
_chem_comp.name
_chem_comp.formula
CL non-polymer 'CHLORIDE ION' 'Cl -1'
EDO non-polymer 1,2-ETHANEDIOL 'C2 H6 O2'
PO4 non-polymer 'PHOSPHATE ION' 'O4 P -3'
#
# COMPACT_ATOMS: atom_id res chain seq x y z
N GLY A 1 -29.76 -11.22 -34.48
CA GLY A 1 -29.99 -10.35 -33.29
C GLY A 1 -29.78 -11.03 -31.96
N MSE A 2 -29.60 -10.22 -30.92
CA MSE A 2 -29.34 -10.72 -29.59
C MSE A 2 -30.60 -11.34 -29.03
O MSE A 2 -31.71 -10.88 -29.28
CB MSE A 2 -28.85 -9.60 -28.69
CG MSE A 2 -28.70 -10.00 -27.26
SE MSE A 2 -28.11 -8.46 -26.23
CE MSE A 2 -29.95 -7.52 -26.11
N THR A 3 -30.41 -12.42 -28.30
CA THR A 3 -31.51 -13.16 -27.71
C THR A 3 -31.39 -13.20 -26.17
N ASN A 4 -30.18 -12.93 -25.67
CA ASN A 4 -29.85 -12.92 -24.22
C ASN A 4 -28.49 -12.22 -24.00
N ASN A 5 -28.32 -11.63 -22.81
CA ASN A 5 -27.06 -11.05 -22.40
C ASN A 5 -26.85 -11.34 -20.93
N LEU A 6 -25.65 -11.79 -20.61
CA LEU A 6 -25.25 -11.94 -19.24
C LEU A 6 -23.97 -11.12 -19.04
N LYS A 7 -24.10 -10.04 -18.25
CA LYS A 7 -22.97 -9.31 -17.70
C LYS A 7 -22.75 -9.87 -16.30
N GLN A 8 -21.62 -10.55 -16.09
CA GLN A 8 -21.36 -11.29 -14.84
C GLN A 8 -21.25 -10.26 -13.73
N ARG A 9 -21.93 -10.54 -12.63
CA ARG A 9 -21.94 -9.66 -11.45
C ARG A 9 -20.64 -9.72 -10.59
N ARG A 10 -20.25 -8.58 -10.08
CA ARG A 10 -18.98 -8.51 -9.44
C ARG A 10 -19.14 -8.01 -8.05
N ILE A 11 -18.37 -8.62 -7.16
CA ILE A 11 -18.23 -8.16 -5.81
C ILE A 11 -17.02 -7.22 -5.79
N ILE A 12 -17.28 -6.03 -5.29
CA ILE A 12 -16.31 -4.93 -5.35
C ILE A 12 -16.05 -4.38 -3.97
N LEU A 13 -14.77 -4.30 -3.63
CA LEU A 13 -14.30 -3.50 -2.48
C LEU A 13 -13.97 -2.08 -2.95
N ASP A 14 -14.52 -1.10 -2.23
CA ASP A 14 -14.22 0.32 -2.45
C ASP A 14 -13.97 1.00 -1.09
N LEU A 15 -12.70 1.21 -0.77
CA LEU A 15 -12.34 1.65 0.56
C LEU A 15 -11.05 2.46 0.63
N ALA A 16 -10.95 3.21 1.72
CA ALA A 16 -9.73 3.88 2.11
C ALA A 16 -8.80 2.87 2.80
N VAL A 17 -7.51 3.00 2.48
CA VAL A 17 -6.48 2.16 3.09
C VAL A 17 -5.28 3.05 3.35
N THR A 18 -4.58 2.81 4.45
CA THR A 18 -3.37 3.61 4.73
C THR A 18 -2.22 3.15 3.83
N LEU A 19 -1.14 3.91 3.85
CA LEU A 19 0.01 3.52 3.07
C LEU A 19 0.59 2.21 3.64
N ASP A 20 0.60 2.01 4.95
CA ASP A 20 1.02 0.72 5.52
C ASP A 20 -0.06 -0.39 5.58
N GLY A 21 -1.18 -0.19 4.88
CA GLY A 21 -2.09 -1.27 4.52
C GLY A 21 -3.30 -1.51 5.41
N PHE A 22 -3.65 -0.55 6.26
CA PHE A 22 -4.71 -0.70 7.25
C PHE A 22 -5.97 0.01 6.77
N ILE A 23 -7.10 -0.67 6.87
CA ILE A 23 -8.35 -0.10 6.41
C ILE A 23 -9.10 0.67 7.50
N GLU A 24 -8.55 0.60 8.70
CA GLU A 24 -9.23 1.03 9.91
C GLU A 24 -8.19 0.98 11.00
N GLY A 25 -8.23 1.92 11.94
CA GLY A 25 -7.35 1.87 13.10
C GLY A 25 -7.66 0.66 14.00
N LYS A 26 -6.75 0.34 14.90
CA LYS A 26 -6.87 -0.88 15.71
C LYS A 26 -8.10 -0.85 16.63
N ASN A 27 -8.48 0.34 17.09
CA ASN A 27 -9.75 0.56 17.81
C ASN A 27 -10.84 1.17 16.88
N GLY A 28 -10.80 0.79 15.61
CA GLY A 28 -11.78 1.25 14.63
C GLY A 28 -11.66 2.69 14.12
N GLU A 29 -10.47 3.28 14.23
CA GLU A 29 -10.29 4.68 13.86
C GLU A 29 -10.28 4.84 12.33
N VAL A 30 -11.07 5.79 11.85
CA VAL A 30 -11.20 6.15 10.46
C VAL A 30 -11.28 7.68 10.34
N ASP A 31 -10.59 8.38 11.23
CA ASP A 31 -10.56 9.86 11.24
C ASP A 31 -9.70 10.39 10.09
N TRP A 32 -8.64 9.61 9.81
CA TRP A 32 -7.69 9.83 8.73
C TRP A 32 -8.27 9.64 7.30
N CYS A 33 -9.47 9.07 7.20
CA CYS A 33 -10.12 8.88 5.91
C CYS A 33 -10.62 10.20 5.32
N ILE A 34 -10.48 10.32 4.00
CA ILE A 34 -10.76 11.55 3.31
C ILE A 34 -11.78 11.26 2.23
N MSE A 35 -12.91 11.95 2.31
CA MSE A 35 -13.96 11.88 1.28
C MSE A 35 -13.68 12.98 0.29
O MSE A 35 -13.67 14.17 0.65
CB MSE A 35 -15.34 12.12 1.88
CG MSE A 35 -16.04 10.90 2.46
SE MSE A 35 -16.54 9.63 1.09
CE MSE A 35 -17.12 10.84 -0.56
N ASP A 36 -13.45 12.60 -0.96
CA ASP A 36 -13.20 13.56 -1.99
C ASP A 36 -14.37 13.47 -2.94
N PRO A 37 -14.88 14.63 -3.39
CA PRO A 37 -16.01 14.67 -4.35
C PRO A 37 -15.75 13.99 -5.72
N ASP A 38 -14.47 13.87 -6.15
CA ASP A 38 -14.10 13.28 -7.45
C ASP A 38 -13.62 11.80 -7.43
N MSE A 39 -13.93 11.07 -6.36
CA MSE A 39 -13.51 9.66 -6.25
C MSE A 39 -14.37 8.71 -7.11
O MSE A 39 -14.08 7.50 -7.19
CB MSE A 39 -13.45 9.20 -4.77
CG MSE A 39 -12.01 9.30 -4.14
SE MSE A 39 -11.90 9.52 -2.15
CE MSE A 39 -10.05 10.25 -1.81
N GLY A 40 -15.41 9.25 -7.77
CA GLY A 40 -16.29 8.46 -8.62
C GLY A 40 -17.22 7.59 -7.82
N PHE A 41 -17.65 8.09 -6.67
CA PHE A 41 -18.38 7.29 -5.68
C PHE A 41 -19.89 7.24 -6.02
N THR A 42 -20.42 8.33 -6.55
CA THR A 42 -21.78 8.37 -7.08
C THR A 42 -21.92 7.46 -8.28
N ASP A 43 -20.94 7.53 -9.18
CA ASP A 43 -20.90 6.69 -10.37
C ASP A 43 -20.66 5.20 -10.06
N PHE A 44 -19.88 4.92 -9.01
CA PHE A 44 -19.70 3.56 -8.49
C PHE A 44 -21.04 3.02 -7.91
N LEU A 45 -21.72 3.83 -7.09
CA LEU A 45 -23.03 3.45 -6.57
C LEU A 45 -24.03 3.09 -7.71
N ASN A 46 -24.06 3.87 -8.78
CA ASN A 46 -24.97 3.59 -9.91
C ASN A 46 -24.69 2.27 -10.61
N GLN A 47 -23.47 1.75 -10.47
CA GLN A 47 -23.08 0.47 -11.04
C GLN A 47 -23.39 -0.75 -10.12
N ILE A 48 -23.85 -0.49 -8.89
CA ILE A 48 -24.24 -1.55 -7.95
C ILE A 48 -25.72 -1.49 -7.64
N ASP A 49 -26.32 -2.66 -7.38
CA ASP A 49 -27.69 -2.73 -6.91
C ASP A 49 -27.79 -3.28 -5.47
N THR A 50 -26.68 -3.83 -4.96
CA THR A 50 -26.62 -4.54 -3.67
C THR A 50 -25.39 -4.13 -2.82
N ILE A 51 -25.58 -4.17 -1.50
CA ILE A 51 -24.50 -3.93 -0.53
C ILE A 51 -24.48 -5.06 0.48
N LEU A 52 -23.30 -5.65 0.68
CA LEU A 52 -23.07 -6.71 1.69
C LEU A 52 -22.44 -6.13 2.95
N TYR A 53 -23.02 -6.52 4.09
CA TYR A 53 -22.62 -6.14 5.42
C TYR A 53 -22.54 -7.39 6.26
N GLY A 54 -21.62 -7.45 7.20
CA GLY A 54 -21.71 -8.39 8.32
C GLY A 54 -22.56 -7.69 9.37
N ARG A 55 -23.09 -8.46 10.32
CA ARG A 55 -24.08 -7.94 11.31
C ARG A 55 -23.63 -6.72 12.11
N LYS A 56 -22.34 -6.70 12.48
CA LYS A 56 -21.76 -5.61 13.29
C LYS A 56 -21.61 -4.28 12.51
N SER A 57 -21.28 -4.34 11.22
CA SER A 57 -21.21 -3.17 10.35
C SER A 57 -22.63 -2.69 10.02
N PHE A 58 -23.54 -3.62 9.79
CA PHE A 58 -24.93 -3.27 9.52
C PHE A 58 -25.59 -2.49 10.68
N ASP A 59 -25.44 -3.02 11.90
CA ASP A 59 -26.04 -2.43 13.10
C ASP A 59 -25.51 -1.03 13.47
N LEU A 60 -24.27 -0.73 13.07
CA LEU A 60 -23.64 0.58 13.27
C LEU A 60 -23.85 1.55 12.10
N TRP A 61 -23.30 1.21 10.93
CA TRP A 61 -23.27 2.13 9.77
C TRP A 61 -24.48 1.94 8.83
N GLY A 62 -25.18 0.81 8.96
CA GLY A 62 -25.99 0.27 7.86
C GLY A 62 -27.38 0.80 7.61
N GLN A 63 -27.86 1.72 8.45
CA GLN A 63 -29.20 2.31 8.27
C GLN A 63 -29.27 3.85 8.49
N TYR A 64 -28.13 4.54 8.56
CA TYR A 64 -28.14 6.02 8.61
C TYR A 64 -26.78 6.63 8.28
N LYS A 75 -24.82 13.52 2.41
CA LYS A 75 -26.25 13.78 2.54
C LYS A 75 -27.07 13.16 1.41
N GLU A 76 -26.57 13.32 0.19
CA GLU A 76 -27.18 12.74 -1.01
C GLU A 76 -26.63 11.35 -1.27
N LEU A 77 -25.35 11.15 -0.93
CA LEU A 77 -24.68 9.84 -0.97
C LEU A 77 -25.40 8.80 -0.13
N TRP A 78 -25.98 9.21 0.99
CA TRP A 78 -26.67 8.29 1.88
C TRP A 78 -28.05 7.92 1.35
N LYS A 79 -28.65 8.78 0.52
CA LYS A 79 -29.92 8.47 -0.15
C LYS A 79 -29.72 7.38 -1.24
N LEU A 80 -28.62 7.48 -1.99
CA LEU A 80 -28.17 6.45 -2.96
C LEU A 80 -27.77 5.17 -2.26
N VAL A 81 -26.89 5.29 -1.25
CA VAL A 81 -26.46 4.12 -0.49
C VAL A 81 -27.69 3.32 0.00
N HIS A 82 -28.59 4.00 0.73
CA HIS A 82 -29.72 3.31 1.34
C HIS A 82 -30.78 2.93 0.30
N SER A 83 -30.68 3.44 -0.93
CA SER A 83 -31.50 2.97 -2.05
C SER A 83 -31.07 1.57 -2.53
N LYS A 84 -29.88 1.11 -2.14
CA LYS A 84 -29.38 -0.20 -2.56
C LYS A 84 -29.98 -1.33 -1.74
N LYS A 85 -30.14 -2.50 -2.35
CA LYS A 85 -30.56 -3.70 -1.62
C LYS A 85 -29.46 -4.01 -0.62
N LYS A 86 -29.84 -4.35 0.60
CA LYS A 86 -28.88 -4.61 1.65
C LYS A 86 -28.94 -6.06 2.02
N TYR A 87 -27.79 -6.71 2.17
CA TYR A 87 -27.74 -8.14 2.56
C TYR A 87 -26.73 -8.32 3.70
N VAL A 88 -27.11 -9.10 4.72
CA VAL A 88 -26.38 -9.16 5.99
C VAL A 88 -25.92 -10.61 6.29
N PHE A 89 -24.60 -10.75 6.47
CA PHE A 89 -23.94 -11.98 6.91
C PHE A 89 -23.71 -11.99 8.45
N SER A 90 -23.61 -13.20 9.00
CA SER A 90 -23.23 -13.40 10.39
C SER A 90 -21.78 -12.99 10.60
N ARG A 91 -21.54 -12.25 11.68
CA ARG A 91 -20.21 -11.95 12.17
C ARG A 91 -20.17 -12.31 13.66
N THR A 92 -20.34 -13.61 13.94
CA THR A 92 -20.17 -14.16 15.27
C THR A 92 -18.82 -13.78 15.87
N GLN A 93 -18.82 -13.34 17.13
CA GLN A 93 -17.59 -13.14 17.85
C GLN A 93 -17.25 -14.40 18.68
N ASN A 94 -16.08 -14.94 18.44
CA ASN A 94 -15.54 -16.02 19.26
C ASN A 94 -14.82 -15.42 20.47
N GLU A 95 -15.38 -15.68 21.65
CA GLU A 95 -14.86 -15.12 22.88
C GLU A 95 -13.57 -15.80 23.33
N ILE A 96 -13.25 -16.93 22.69
CA ILE A 96 -12.01 -17.66 22.96
C ILE A 96 -10.80 -16.76 22.65
N ASP A 97 -10.75 -16.22 21.43
CA ASP A 97 -9.62 -15.38 20.98
C ASP A 97 -10.02 -13.94 20.62
N ASN A 98 -11.30 -13.58 20.85
CA ASN A 98 -11.86 -12.25 20.51
C ASN A 98 -11.69 -11.87 19.05
N GLN A 99 -11.98 -12.83 18.18
CA GLN A 99 -11.98 -12.63 16.76
C GLN A 99 -13.27 -13.16 16.13
N ALA A 100 -13.61 -12.60 14.96
CA ALA A 100 -14.76 -13.06 14.19
C ALA A 100 -14.57 -14.49 13.74
N ILE A 101 -15.68 -15.22 13.72
CA ILE A 101 -15.65 -16.61 13.33
C ILE A 101 -16.80 -16.81 12.35
N PHE A 102 -16.44 -17.40 11.20
CA PHE A 102 -17.34 -17.60 10.06
C PHE A 102 -17.38 -19.09 9.67
N ILE A 103 -18.51 -19.48 9.10
CA ILE A 103 -18.65 -20.75 8.41
C ILE A 103 -18.52 -20.43 6.90
N ASN A 104 -17.37 -20.74 6.31
CA ASN A 104 -17.07 -20.34 4.93
C ASN A 104 -17.98 -20.97 3.89
N ASP A 105 -18.44 -22.18 4.17
CA ASP A 105 -19.39 -22.88 3.29
C ASP A 105 -20.73 -22.19 3.24
N ASN A 106 -21.18 -21.61 4.37
CA ASN A 106 -22.40 -20.77 4.42
C ASN A 106 -22.23 -19.50 3.61
N ILE A 107 -21.08 -18.85 3.76
CA ILE A 107 -20.73 -17.66 2.99
C ILE A 107 -20.82 -17.93 1.49
N LEU A 108 -20.17 -18.99 1.03
CA LEU A 108 -20.17 -19.35 -0.41
C LEU A 108 -21.56 -19.69 -0.94
N GLU A 109 -22.35 -20.45 -0.17
CA GLU A 109 -23.75 -20.70 -0.47
C GLU A 109 -24.53 -19.41 -0.64
N GLU A 110 -24.40 -18.49 0.34
CA GLU A 110 -25.15 -17.23 0.31
C GLU A 110 -24.75 -16.31 -0.83
N VAL A 111 -23.45 -16.22 -1.10
CA VAL A 111 -22.93 -15.40 -2.21
C VAL A 111 -23.37 -15.99 -3.55
N ASN A 112 -23.34 -17.31 -3.71
CA ASN A 112 -23.81 -17.97 -4.94
C ASN A 112 -25.32 -17.85 -5.21
N LYS A 113 -26.10 -17.96 -4.14
CA LYS A 113 -27.54 -17.69 -4.19
C LYS A 113 -27.86 -16.28 -4.76
N LEU A 114 -27.08 -15.27 -4.33
CA LEU A 114 -27.16 -13.88 -4.83
C LEU A 114 -26.76 -13.70 -6.29
N LYS A 115 -25.62 -14.30 -6.64
CA LYS A 115 -25.09 -14.27 -8.00
C LYS A 115 -26.01 -15.00 -9.01
N LYS A 116 -26.87 -15.90 -8.50
CA LYS A 116 -27.85 -16.59 -9.35
C LYS A 116 -28.89 -15.61 -9.86
N ASN A 117 -29.22 -14.61 -9.06
CA ASN A 117 -30.25 -13.65 -9.42
C ASN A 117 -29.79 -12.66 -10.47
N PRO A 118 -30.73 -12.09 -11.23
CA PRO A 118 -30.34 -11.03 -12.19
C PRO A 118 -30.03 -9.72 -11.45
N GLY A 119 -29.10 -8.91 -11.97
CA GLY A 119 -28.77 -7.63 -11.33
C GLY A 119 -27.43 -7.02 -11.74
N LYS A 120 -27.07 -5.94 -11.07
CA LYS A 120 -25.82 -5.22 -11.32
C LYS A 120 -24.76 -5.65 -10.29
N ASP A 121 -23.79 -4.79 -9.99
CA ASP A 121 -22.67 -5.18 -9.13
C ASP A 121 -22.97 -5.08 -7.62
N ILE A 122 -22.08 -5.62 -6.81
CA ILE A 122 -22.29 -5.84 -5.38
C ILE A 122 -21.11 -5.22 -4.65
N TRP A 123 -21.41 -4.32 -3.72
CA TRP A 123 -20.42 -3.68 -2.87
C TRP A 123 -20.26 -4.42 -1.55
N LEU A 124 -19.07 -4.96 -1.33
CA LEU A 124 -18.71 -5.51 -0.02
C LEU A 124 -18.23 -4.36 0.88
N TYR A 125 -19.15 -3.93 1.74
CA TYR A 125 -19.04 -2.72 2.56
C TYR A 125 -18.14 -2.84 3.83
N GLY A 126 -18.23 -3.97 4.53
CA GLY A 126 -17.55 -4.17 5.82
C GLY A 126 -18.35 -5.12 6.72
N GLY A 127 -17.90 -5.34 7.96
CA GLY A 127 -16.70 -4.72 8.53
C GLY A 127 -15.42 -5.40 8.15
N ALA A 128 -14.33 -5.03 8.81
CA ALA A 128 -12.97 -5.42 8.40
C ALA A 128 -12.75 -6.94 8.32
N SER A 129 -13.27 -7.66 9.31
CA SER A 129 -13.17 -9.12 9.40
C SER A 129 -13.89 -9.87 8.27
N LEU A 130 -15.05 -9.38 7.85
CA LEU A 130 -15.81 -9.97 6.74
C LEU A 130 -15.09 -9.73 5.41
N ILE A 131 -14.58 -8.51 5.22
CA ILE A 131 -13.83 -8.15 4.01
C ILE A 131 -12.68 -9.13 3.80
N THR A 132 -11.80 -9.18 4.79
CA THR A 132 -10.68 -10.10 4.84
C THR A 132 -11.03 -11.54 4.48
N THR A 133 -12.14 -12.02 5.00
CA THR A 133 -12.64 -13.35 4.75
C THR A 133 -13.03 -13.55 3.30
N PHE A 134 -13.77 -12.59 2.74
CA PHE A 134 -14.09 -12.60 1.30
C PHE A 134 -12.87 -12.61 0.37
N ILE A 135 -11.87 -11.80 0.70
CA ILE A 135 -10.63 -11.80 -0.09
C ILE A 135 -10.02 -13.23 -0.10
N ASN A 136 -9.87 -13.82 1.09
CA ASN A 136 -9.27 -15.15 1.29
C ASN A 136 -10.12 -16.35 0.79
N LEU A 137 -11.42 -16.12 0.56
CA LEU A 137 -12.29 -17.09 -0.14
C LEU A 137 -12.25 -16.94 -1.69
N GLY A 138 -11.46 -15.95 -2.15
CA GLY A 138 -11.35 -15.58 -3.55
C GLY A 138 -12.62 -14.97 -4.12
N LEU A 139 -13.32 -14.16 -3.34
CA LEU A 139 -14.65 -13.64 -3.73
C LEU A 139 -14.69 -12.17 -4.19
N VAL A 140 -13.57 -11.44 -4.07
CA VAL A 140 -13.54 -10.04 -4.51
C VAL A 140 -12.99 -9.99 -5.95
N ASP A 141 -13.76 -9.34 -6.84
CA ASP A 141 -13.38 -9.19 -8.24
C ASP A 141 -12.56 -7.92 -8.51
N GLU A 142 -12.86 -6.86 -7.75
CA GLU A 142 -12.33 -5.53 -7.99
C GLU A 142 -12.04 -4.86 -6.64
N PHE A 143 -10.86 -4.24 -6.58
CA PHE A 143 -10.33 -3.55 -5.40
C PHE A 143 -10.15 -2.10 -5.80
N ARG A 144 -11.03 -1.25 -5.30
CA ARG A 144 -10.92 0.19 -5.49
C ARG A 144 -10.34 0.76 -4.21
N LEU A 145 -9.02 0.98 -4.24
CA LEU A 145 -8.24 1.27 -3.04
C LEU A 145 -7.80 2.72 -2.97
N SER A 146 -8.38 3.49 -2.07
CA SER A 146 -7.96 4.88 -1.89
C SER A 146 -6.83 4.93 -0.86
N ILE A 147 -5.59 4.92 -1.37
CA ILE A 147 -4.40 4.82 -0.53
C ILE A 147 -4.05 6.21 0.02
N HIS A 148 -4.16 6.35 1.33
CA HIS A 148 -3.98 7.63 1.98
C HIS A 148 -2.52 7.87 2.32
N PRO A 149 -2.07 9.15 2.30
CA PRO A 149 -0.65 9.47 2.57
C PRO A 149 -0.34 9.48 4.07
N VAL A 150 -0.73 8.38 4.73
CA VAL A 150 -0.50 8.22 6.13
C VAL A 150 -0.03 6.79 6.40
N VAL A 151 0.79 6.67 7.45
CA VAL A 151 1.28 5.42 8.00
C VAL A 151 0.71 5.35 9.41
N LEU A 152 -0.32 4.55 9.65
CA LEU A 152 -0.89 4.45 11.00
C LEU A 152 -0.03 3.69 12.00
N GLY A 153 0.91 2.86 11.54
CA GLY A 153 1.75 2.07 12.44
C GLY A 153 1.14 0.77 12.95
N GLU A 154 -0.16 0.79 13.20
CA GLU A 154 -0.94 -0.40 13.53
C GLU A 154 -2.44 -0.16 13.27
N GLY A 155 -3.19 -1.26 13.19
CA GLY A 155 -4.59 -1.23 12.81
C GLY A 155 -5.08 -2.55 12.27
N LYS A 156 -6.17 -2.47 11.50
CA LYS A 156 -6.84 -3.61 10.85
C LYS A 156 -6.44 -3.68 9.36
N PRO A 157 -5.61 -4.68 8.97
CA PRO A 157 -5.10 -4.78 7.59
C PRO A 157 -6.12 -5.23 6.57
N LEU A 158 -5.97 -4.72 5.35
CA LEU A 158 -6.78 -5.16 4.25
C LEU A 158 -6.44 -6.61 3.94
N PHE A 159 -5.13 -6.89 3.87
CA PHE A 159 -4.61 -8.24 3.56
C PHE A 159 -4.00 -8.90 4.78
N ILE A 160 -4.61 -9.97 5.22
CA ILE A 160 -4.15 -10.73 6.37
C ILE A 160 -4.55 -12.22 6.18
N ASP A 161 -3.65 -13.11 6.63
CA ASP A 161 -3.76 -14.57 6.47
C ASP A 161 -3.81 -15.03 5.01
N VAL A 162 -3.03 -14.35 4.15
CA VAL A 162 -2.98 -14.66 2.71
C VAL A 162 -2.00 -15.81 2.50
N LYS A 163 -2.49 -16.87 1.84
CA LYS A 163 -1.81 -18.17 1.72
C LYS A 163 -0.88 -18.31 0.51
N GLN A 164 -1.24 -17.65 -0.59
CA GLN A 164 -0.42 -17.58 -1.81
C GLN A 164 -0.42 -16.16 -2.37
N ARG A 165 0.47 -15.91 -3.33
CA ARG A 165 0.47 -14.62 -4.01
C ARG A 165 -0.86 -14.42 -4.73
N ILE A 166 -1.41 -13.22 -4.59
CA ILE A 166 -2.56 -12.79 -5.37
C ILE A 166 -1.95 -11.79 -6.36
N ASN A 167 -1.92 -12.17 -7.64
CA ASN A 167 -1.55 -11.24 -8.68
C ASN A 167 -2.75 -10.44 -9.15
N LEU A 168 -2.55 -9.13 -9.36
CA LEU A 168 -3.65 -8.27 -9.70
C LEU A 168 -3.37 -7.60 -11.02
N LYS A 169 -4.43 -7.12 -11.68
CA LYS A 169 -4.36 -6.25 -12.86
C LYS A 169 -4.75 -4.85 -12.44
N MSE A 170 -3.85 -3.88 -12.57
CA MSE A 170 -4.16 -2.47 -12.37
C MSE A 170 -4.91 -1.92 -13.58
O MSE A 170 -4.46 -2.11 -14.72
CB MSE A 170 -2.84 -1.65 -12.15
CG MSE A 170 -3.01 -0.22 -11.66
SE MSE A 170 -3.31 1.07 -13.10
CE MSE A 170 -1.50 1.42 -13.68
N VAL A 171 -6.05 -1.25 -13.32
CA VAL A 171 -6.94 -0.74 -14.39
C VAL A 171 -7.17 0.79 -14.30
N ASN A 172 -7.35 1.31 -13.08
CA ASN A 172 -7.34 2.69 -12.90
C ASN A 172 -6.34 3.32 -11.80
N THR A 173 -5.78 4.47 -12.13
CA THR A 173 -4.97 5.23 -11.15
C THR A 173 -5.39 6.74 -11.12
N ARG A 174 -5.90 7.20 -9.97
CA ARG A 174 -6.43 8.54 -9.81
C ARG A 174 -5.82 9.25 -8.60
N THR A 175 -5.38 10.48 -8.82
CA THR A 175 -4.73 11.28 -7.78
C THR A 175 -5.62 12.48 -7.39
N PHE A 176 -5.59 12.86 -6.12
CA PHE A 176 -6.40 13.96 -5.62
C PHE A 176 -5.48 15.00 -4.97
N SER A 177 -6.01 16.21 -4.79
CA SER A 177 -5.32 17.35 -4.15
C SER A 177 -4.81 17.03 -2.73
N SER A 178 -5.51 16.11 -2.09
CA SER A 178 -5.22 15.61 -0.75
C SER A 178 -3.94 14.76 -0.66
N GLY A 179 -3.46 14.25 -1.79
CA GLY A 179 -2.35 13.32 -1.82
C GLY A 179 -2.80 11.88 -1.84
N VAL A 180 -4.12 11.66 -1.79
CA VAL A 180 -4.70 10.34 -1.93
C VAL A 180 -4.50 9.88 -3.37
N VAL A 181 -4.14 8.60 -3.52
CA VAL A 181 -4.04 7.95 -4.83
C VAL A 181 -4.95 6.74 -4.77
N GLN A 182 -5.95 6.74 -5.66
CA GLN A 182 -6.81 5.61 -5.86
C GLN A 182 -6.31 4.71 -7.01
N ILE A 183 -6.01 3.46 -6.65
CA ILE A 183 -5.69 2.43 -7.60
C ILE A 183 -6.77 1.41 -7.54
N VAL A 184 -7.26 1.11 -8.73
CA VAL A 184 -8.26 0.07 -9.00
C VAL A 184 -7.59 -1.15 -9.69
N TYR A 185 -7.83 -2.30 -9.06
CA TYR A 185 -7.23 -3.55 -9.42
C TYR A 185 -8.36 -4.48 -9.74
N HIS A 186 -8.23 -5.23 -10.83
CA HIS A 186 -9.06 -6.38 -11.04
C HIS A 186 -8.30 -7.61 -10.65
N TRP A 187 -8.97 -8.56 -10.01
CA TRP A 187 -8.38 -9.86 -9.74
C TRP A 187 -8.88 -10.87 -10.80
N GLY B 1 24.29 40.07 -5.48
CA GLY B 1 24.72 38.72 -5.89
C GLY B 1 24.81 37.71 -4.75
N MSE B 2 24.83 36.42 -5.10
CA MSE B 2 24.92 35.30 -4.16
C MSE B 2 26.31 35.10 -3.60
O MSE B 2 27.30 35.28 -4.31
CB MSE B 2 24.50 34.02 -4.90
CG MSE B 2 24.37 32.77 -4.05
SE MSE B 2 24.05 31.11 -5.16
CE MSE B 2 25.89 30.61 -5.56
N THR B 3 26.40 34.71 -2.33
CA THR B 3 27.70 34.42 -1.67
C THR B 3 27.84 32.96 -1.22
N ASN B 4 26.68 32.31 -1.05
CA ASN B 4 26.62 30.89 -0.66
C ASN B 4 25.24 30.32 -1.05
N ASN B 5 25.26 29.05 -1.44
CA ASN B 5 24.10 28.23 -1.58
C ASN B 5 24.23 26.93 -0.79
N LEU B 6 23.13 26.54 -0.17
CA LEU B 6 23.01 25.21 0.40
C LEU B 6 21.68 24.63 -0.01
N LYS B 7 21.78 23.56 -0.81
CA LYS B 7 20.70 22.60 -1.01
C LYS B 7 20.86 21.55 0.11
N GLN B 8 19.86 21.50 1.02
CA GLN B 8 19.91 20.56 2.15
C GLN B 8 19.81 19.12 1.63
N ARG B 9 20.77 18.30 2.04
CA ARG B 9 20.86 16.96 1.52
C ARG B 9 19.72 16.04 2.02
N ARG B 10 19.18 15.25 1.09
CA ARG B 10 18.03 14.43 1.40
C ARG B 10 18.43 12.98 1.45
N ILE B 11 17.95 12.26 2.46
CA ILE B 11 18.04 10.80 2.45
C ILE B 11 16.76 10.21 1.81
N ILE B 12 16.95 9.35 0.82
CA ILE B 12 15.87 8.90 -0.04
C ILE B 12 15.80 7.38 -0.12
N LEU B 13 14.61 6.85 0.07
CA LEU B 13 14.27 5.45 -0.24
C LEU B 13 13.68 5.38 -1.65
N ASP B 14 14.17 4.44 -2.44
CA ASP B 14 13.70 4.21 -3.77
C ASP B 14 13.65 2.72 -3.88
N LEU B 15 12.46 2.15 -3.70
CA LEU B 15 12.33 0.72 -3.79
C LEU B 15 10.96 0.23 -4.21
N ALA B 16 10.98 -1.05 -4.57
CA ALA B 16 9.85 -1.88 -4.91
C ALA B 16 9.18 -2.36 -3.63
N VAL B 17 7.87 -2.15 -3.56
CA VAL B 17 7.06 -2.63 -2.45
C VAL B 17 5.83 -3.35 -3.05
N THR B 18 5.35 -4.41 -2.39
CA THR B 18 4.15 -5.10 -2.86
C THR B 18 2.92 -4.32 -2.41
N LEU B 19 1.77 -4.74 -2.95
CA LEU B 19 0.52 -4.09 -2.59
C LEU B 19 0.22 -4.24 -1.11
N ASP B 20 0.55 -5.41 -0.54
CA ASP B 20 0.39 -5.66 0.92
C ASP B 20 1.59 -5.23 1.81
N GLY B 21 2.49 -4.42 1.26
CA GLY B 21 3.46 -3.69 2.07
C GLY B 21 4.84 -4.27 2.30
N PHE B 22 5.21 -5.30 1.54
CA PHE B 22 6.47 -6.01 1.73
C PHE B 22 7.53 -5.55 0.72
N ILE B 23 8.75 -5.35 1.19
CA ILE B 23 9.87 -4.99 0.31
C ILE B 23 10.73 -6.21 -0.06
N GLU B 24 10.46 -7.33 0.60
CA GLU B 24 11.15 -8.61 0.37
C GLU B 24 10.26 -9.76 0.81
N GLY B 25 10.44 -10.93 0.20
CA GLY B 25 9.84 -12.16 0.72
C GLY B 25 10.36 -12.54 2.11
N LYS B 26 9.75 -13.57 2.66
CA LYS B 26 10.15 -14.13 3.95
C LYS B 26 11.65 -14.50 3.94
N ASN B 27 12.08 -15.13 2.85
CA ASN B 27 13.45 -15.66 2.70
C ASN B 27 14.32 -14.76 1.78
N GLY B 28 13.94 -13.50 1.60
CA GLY B 28 14.67 -12.53 0.77
C GLY B 28 14.25 -12.47 -0.69
N GLU B 29 13.12 -13.11 -1.01
CA GLU B 29 12.60 -13.17 -2.37
C GLU B 29 12.34 -11.78 -2.94
N VAL B 30 13.00 -11.49 -4.05
CA VAL B 30 12.75 -10.28 -4.83
C VAL B 30 12.40 -10.65 -6.29
N ASP B 31 11.95 -11.88 -6.51
CA ASP B 31 11.62 -12.34 -7.87
C ASP B 31 10.49 -11.52 -8.52
N TRP B 32 9.47 -11.19 -7.73
CA TRP B 32 8.35 -10.33 -8.13
C TRP B 32 8.74 -8.89 -8.58
N CYS B 33 9.95 -8.41 -8.27
CA CYS B 33 10.36 -7.02 -8.52
C CYS B 33 10.65 -6.71 -9.99
N ILE B 34 10.11 -5.57 -10.44
CA ILE B 34 10.12 -5.17 -11.84
C ILE B 34 10.88 -3.86 -11.99
N MSE B 35 11.77 -3.87 -12.97
CA MSE B 35 12.69 -2.82 -13.26
C MSE B 35 12.28 -2.25 -14.61
O MSE B 35 12.34 -2.91 -15.63
CB MSE B 35 14.08 -3.46 -13.38
CG MSE B 35 15.16 -2.49 -13.64
SE MSE B 35 15.07 -1.29 -12.17
CE MSE B 35 15.48 -2.67 -10.73
N ASP B 36 11.81 -1.01 -14.61
CA ASP B 36 11.36 -0.39 -15.84
C ASP B 36 12.35 0.73 -16.22
N PRO B 37 12.71 0.84 -17.53
CA PRO B 37 13.59 1.95 -17.93
C PRO B 37 12.97 3.34 -17.69
N ASP B 38 11.64 3.40 -17.60
CA ASP B 38 10.93 4.67 -17.39
C ASP B 38 10.66 4.97 -15.89
N MSE B 39 11.34 4.30 -14.95
CA MSE B 39 11.20 4.59 -13.51
C MSE B 39 12.00 5.82 -13.02
O MSE B 39 11.86 6.19 -11.85
CB MSE B 39 11.54 3.37 -12.64
CG MSE B 39 10.30 2.69 -12.01
SE MSE B 39 10.53 0.74 -11.88
CE MSE B 39 8.66 -0.04 -12.03
N GLY B 40 12.80 6.43 -13.89
CA GLY B 40 13.57 7.64 -13.55
C GLY B 40 14.75 7.36 -12.64
N PHE B 41 15.37 6.20 -12.85
CA PHE B 41 16.41 5.65 -11.96
C PHE B 41 17.80 6.16 -12.33
N THR B 42 18.03 6.38 -13.62
CA THR B 42 19.20 7.10 -14.12
C THR B 42 19.25 8.51 -13.54
N ASP B 43 18.11 9.20 -13.60
CA ASP B 43 17.94 10.56 -13.04
C ASP B 43 18.07 10.64 -11.50
N PHE B 44 17.47 9.67 -10.81
CA PHE B 44 17.64 9.53 -9.37
C PHE B 44 19.12 9.30 -8.99
N LEU B 45 19.80 8.44 -9.73
CA LEU B 45 21.22 8.17 -9.48
C LEU B 45 22.09 9.43 -9.67
N ASN B 46 21.75 10.24 -10.67
CA ASN B 46 22.48 11.47 -10.96
C ASN B 46 22.25 12.53 -9.90
N GLN B 47 21.19 12.39 -9.12
CA GLN B 47 20.89 13.34 -8.06
C GLN B 47 21.55 12.96 -6.71
N ILE B 48 22.11 11.75 -6.61
CA ILE B 48 22.80 11.26 -5.40
C ILE B 48 24.32 11.14 -5.58
N ASP B 49 25.06 11.30 -4.50
CA ASP B 49 26.49 11.01 -4.54
C ASP B 49 26.90 9.94 -3.51
N THR B 50 25.90 9.39 -2.80
CA THR B 50 26.11 8.51 -1.66
C THR B 50 25.08 7.39 -1.59
N ILE B 51 25.54 6.22 -1.14
CA ILE B 51 24.69 5.05 -0.91
C ILE B 51 25.03 4.46 0.46
N LEU B 52 23.97 4.22 1.23
CA LEU B 52 24.04 3.64 2.55
C LEU B 52 23.52 2.19 2.53
N TYR B 53 24.35 1.29 3.06
CA TYR B 53 24.05 -0.12 3.15
C TYR B 53 24.25 -0.59 4.58
N GLY B 54 23.60 -1.71 4.93
CA GLY B 54 24.04 -2.52 6.05
C GLY B 54 25.03 -3.51 5.49
N ARG B 55 25.81 -4.14 6.35
CA ARG B 55 26.88 -5.07 5.91
C ARG B 55 26.34 -6.29 5.14
N LYS B 56 25.21 -6.82 5.58
CA LYS B 56 24.57 -7.95 4.92
C LYS B 56 24.11 -7.61 3.49
N SER B 57 23.55 -6.40 3.32
CA SER B 57 23.07 -5.86 2.03
C SER B 57 24.18 -5.42 1.08
N PHE B 58 25.28 -4.90 1.63
CA PHE B 58 26.47 -4.54 0.83
C PHE B 58 27.13 -5.78 0.24
N ASP B 59 27.28 -6.86 1.02
CA ASP B 59 27.85 -8.14 0.55
C ASP B 59 27.07 -8.76 -0.62
N LEU B 60 25.76 -8.52 -0.64
CA LEU B 60 24.83 -8.99 -1.68
C LEU B 60 24.78 -8.12 -2.95
N TRP B 61 24.67 -6.81 -2.76
CA TRP B 61 24.47 -5.84 -3.86
C TRP B 61 25.54 -4.78 -4.01
N GLY B 62 26.40 -4.65 -3.01
CA GLY B 62 27.32 -3.52 -2.91
C GLY B 62 28.39 -3.50 -3.98
N GLN B 63 28.73 -4.69 -4.50
CA GLN B 63 29.62 -4.82 -5.64
C GLN B 63 29.05 -5.72 -6.77
N TYR B 64 27.73 -5.70 -6.99
CA TYR B 64 27.07 -6.45 -8.11
C TYR B 64 27.46 -5.93 -9.51
N ILE B 65 27.61 -6.85 -10.47
CA ILE B 65 28.14 -6.53 -11.83
C ILE B 65 27.10 -6.52 -12.98
N GLU B 74 20.73 -3.70 -16.89
CA GLU B 74 21.65 -2.76 -17.54
C GLU B 74 22.95 -2.55 -16.74
N LYS B 75 24.05 -3.04 -17.30
CA LYS B 75 25.39 -2.84 -16.72
C LYS B 75 25.84 -1.38 -16.70
N GLU B 76 25.05 -0.49 -17.31
CA GLU B 76 25.30 0.96 -17.30
C GLU B 76 24.69 1.64 -16.09
N LEU B 77 23.59 1.08 -15.58
CA LEU B 77 23.03 1.50 -14.29
C LEU B 77 24.02 1.20 -13.17
N TRP B 78 24.65 0.03 -13.27
CA TRP B 78 25.55 -0.45 -12.23
C TRP B 78 26.87 0.25 -12.23
N LYS B 79 27.28 0.75 -13.37
CA LYS B 79 28.45 1.60 -13.46
C LYS B 79 28.20 2.92 -12.69
N LEU B 80 27.00 3.49 -12.84
CA LEU B 80 26.56 4.69 -12.09
C LEU B 80 26.43 4.46 -10.57
N VAL B 81 25.78 3.36 -10.19
CA VAL B 81 25.65 2.96 -8.79
C VAL B 81 27.03 2.87 -8.15
N HIS B 82 27.94 2.18 -8.84
CA HIS B 82 29.28 1.95 -8.31
C HIS B 82 30.19 3.14 -8.31
N SER B 83 29.79 4.22 -9.00
CA SER B 83 30.51 5.48 -8.97
C SER B 83 30.23 6.31 -7.71
N LYS B 84 29.32 5.84 -6.85
CA LYS B 84 28.93 6.58 -5.65
C LYS B 84 29.82 6.24 -4.45
N LYS B 85 29.87 7.17 -3.50
CA LYS B 85 30.45 6.90 -2.20
C LYS B 85 29.51 6.01 -1.37
N LYS B 86 30.09 5.08 -0.63
CA LYS B 86 29.31 4.10 0.10
C LYS B 86 29.61 4.14 1.59
N TYR B 87 28.55 4.12 2.39
CA TYR B 87 28.66 3.94 3.84
C TYR B 87 28.07 2.57 4.16
N VAL B 88 28.89 1.71 4.74
CA VAL B 88 28.43 0.39 5.19
C VAL B 88 28.47 0.35 6.72
N PHE B 89 27.28 0.18 7.28
CA PHE B 89 27.01 0.08 8.73
C PHE B 89 27.07 -1.38 9.19
N SER B 90 27.52 -1.60 10.42
CA SER B 90 27.64 -2.96 10.97
C SER B 90 26.55 -3.27 11.99
N ARG B 91 26.31 -4.57 12.22
CA ARG B 91 25.26 -5.02 13.12
C ARG B 91 25.79 -6.07 14.08
N ILE B 101 21.73 -6.58 15.75
CA ILE B 101 20.89 -5.39 15.70
C ILE B 101 21.69 -4.14 15.28
N PHE B 102 20.97 -3.14 14.77
CA PHE B 102 21.53 -1.79 14.60
C PHE B 102 21.17 -0.95 15.83
N ILE B 103 22.17 -0.24 16.36
CA ILE B 103 21.99 0.62 17.53
C ILE B 103 21.68 2.05 17.06
N ASN B 104 20.58 2.61 17.59
CA ASN B 104 20.09 3.94 17.21
C ASN B 104 21.15 5.06 17.28
N ASP B 105 21.78 5.23 18.45
CA ASP B 105 22.71 6.34 18.68
C ASP B 105 23.86 6.36 17.68
N ASN B 106 24.34 5.18 17.33
CA ASN B 106 25.48 5.03 16.44
C ASN B 106 25.14 5.42 15.01
N ILE B 107 23.94 5.07 14.58
CA ILE B 107 23.45 5.47 13.25
C ILE B 107 23.24 6.96 13.17
N LEU B 108 22.52 7.51 14.15
CA LEU B 108 22.32 8.96 14.26
C LEU B 108 23.65 9.74 14.19
N GLU B 109 24.63 9.26 14.94
CA GLU B 109 25.95 9.88 14.97
C GLU B 109 26.65 9.75 13.63
N GLU B 110 26.49 8.57 13.01
CA GLU B 110 27.14 8.28 11.73
C GLU B 110 26.53 9.15 10.66
N VAL B 111 25.23 9.36 10.78
CA VAL B 111 24.47 10.09 9.80
C VAL B 111 24.77 11.59 9.98
N ASN B 112 24.88 12.07 11.22
CA ASN B 112 25.20 13.49 11.46
C ASN B 112 26.61 13.86 10.97
N LYS B 113 27.55 12.94 11.14
CA LYS B 113 28.92 13.07 10.61
C LYS B 113 28.84 13.22 9.10
N LEU B 114 28.08 12.35 8.45
CA LEU B 114 27.84 12.36 6.99
C LEU B 114 27.20 13.68 6.43
N LYS B 115 26.14 14.12 7.09
CA LYS B 115 25.43 15.34 6.72
C LYS B 115 26.26 16.65 6.90
N LYS B 116 27.32 16.60 7.69
CA LYS B 116 28.30 17.72 7.77
C LYS B 116 28.88 18.09 6.42
N ASN B 117 29.10 17.07 5.61
CA ASN B 117 29.79 17.21 4.33
C ASN B 117 28.91 17.86 3.25
N PRO B 118 29.54 18.58 2.30
CA PRO B 118 28.85 19.07 1.13
C PRO B 118 28.54 17.97 0.11
N GLY B 119 27.46 18.15 -0.63
CA GLY B 119 27.17 17.30 -1.76
C GLY B 119 25.71 17.01 -1.97
N LYS B 120 25.45 16.04 -2.83
CA LYS B 120 24.13 15.76 -3.36
C LYS B 120 23.35 14.86 -2.40
N ASP B 121 22.34 14.16 -2.87
CA ASP B 121 21.51 13.36 -1.97
C ASP B 121 22.04 11.94 -1.75
N ILE B 122 21.40 11.24 -0.82
CA ILE B 122 21.87 9.99 -0.25
C ILE B 122 20.79 8.89 -0.48
N TRP B 123 21.19 7.77 -1.07
CA TRP B 123 20.31 6.62 -1.21
C TRP B 123 20.47 5.62 -0.05
N LEU B 124 19.43 5.47 0.75
CA LEU B 124 19.39 4.40 1.70
C LEU B 124 18.99 3.12 0.94
N TYR B 125 19.93 2.20 0.78
CA TYR B 125 19.77 1.10 -0.16
C TYR B 125 19.09 -0.12 0.47
N GLY B 126 19.46 -0.43 1.71
CA GLY B 126 19.06 -1.67 2.39
C GLY B 126 20.04 -2.05 3.50
N GLY B 127 19.75 -3.12 4.24
CA GLY B 127 18.57 -3.95 4.05
C GLY B 127 17.33 -3.47 4.77
N ALA B 128 16.38 -4.39 4.91
CA ALA B 128 15.11 -4.16 5.57
C ALA B 128 15.23 -3.60 6.99
N SER B 129 16.10 -4.20 7.80
CA SER B 129 16.32 -3.74 9.19
C SER B 129 16.98 -2.39 9.33
N LEU B 130 17.93 -2.06 8.46
CA LEU B 130 18.52 -0.69 8.40
C LEU B 130 17.50 0.34 7.91
N ILE B 131 16.76 -0.01 6.85
CA ILE B 131 15.67 0.82 6.36
C ILE B 131 14.72 1.19 7.53
N THR B 132 14.30 0.18 8.30
CA THR B 132 13.41 0.34 9.46
C THR B 132 14.02 1.21 10.58
N THR B 133 15.33 1.05 10.83
CA THR B 133 16.05 1.86 11.82
C THR B 133 16.01 3.34 11.42
N PHE B 134 16.42 3.65 10.19
CA PHE B 134 16.33 5.02 9.68
C PHE B 134 14.89 5.58 9.67
N ILE B 135 13.90 4.78 9.32
CA ILE B 135 12.51 5.28 9.29
C ILE B 135 12.05 5.66 10.70
N ASN B 136 12.11 4.70 11.62
CA ASN B 136 11.73 4.99 12.99
C ASN B 136 12.63 6.03 13.70
N LEU B 137 13.74 6.45 13.09
CA LEU B 137 14.53 7.55 13.65
C LEU B 137 14.19 8.93 13.03
N GLY B 138 13.15 8.99 12.21
CA GLY B 138 12.83 10.20 11.41
C GLY B 138 13.91 10.68 10.42
N LEU B 139 14.62 9.73 9.81
CA LEU B 139 15.76 10.05 8.94
C LEU B 139 15.47 9.93 7.45
N VAL B 140 14.32 9.36 7.05
CA VAL B 140 13.96 9.29 5.62
C VAL B 140 13.19 10.55 5.19
N ASP B 141 13.68 11.24 4.18
CA ASP B 141 13.08 12.46 3.63
C ASP B 141 12.12 12.18 2.44
N GLU B 142 12.51 11.29 1.51
CA GLU B 142 11.66 10.94 0.36
C GLU B 142 11.46 9.44 0.34
N PHE B 143 10.26 9.01 -0.02
CA PHE B 143 9.97 7.59 -0.24
C PHE B 143 9.50 7.42 -1.69
N ARG B 144 10.30 6.78 -2.53
CA ARG B 144 9.94 6.52 -3.93
CA ARG B 144 9.91 6.53 -3.92
C ARG B 144 9.51 5.07 -3.98
N LEU B 145 8.20 4.85 -3.86
CA LEU B 145 7.63 3.51 -3.64
C LEU B 145 6.99 2.99 -4.90
N SER B 146 7.60 1.99 -5.48
CA SER B 146 7.05 1.37 -6.68
C SER B 146 6.17 0.23 -6.23
N ILE B 147 4.87 0.47 -6.21
CA ILE B 147 3.90 -0.52 -5.70
C ILE B 147 3.58 -1.53 -6.80
N HIS B 148 3.90 -2.82 -6.55
CA HIS B 148 3.66 -3.89 -7.52
C HIS B 148 2.28 -4.45 -7.33
N PRO B 149 1.63 -4.88 -8.43
CA PRO B 149 0.25 -5.38 -8.41
C PRO B 149 0.27 -6.85 -7.92
N VAL B 150 0.80 -7.00 -6.72
CA VAL B 150 0.99 -8.31 -6.19
C VAL B 150 0.74 -8.16 -4.71
N VAL B 151 0.00 -9.14 -4.18
CA VAL B 151 -0.13 -9.37 -2.75
C VAL B 151 0.79 -10.56 -2.49
N LEU B 152 1.89 -10.31 -1.79
CA LEU B 152 2.87 -11.35 -1.50
C LEU B 152 2.44 -12.29 -0.35
N GLY B 153 1.67 -11.79 0.61
CA GLY B 153 1.09 -12.60 1.69
C GLY B 153 1.94 -12.78 2.94
N GLU B 154 3.25 -12.83 2.74
CA GLU B 154 4.19 -12.77 3.86
C GLU B 154 5.52 -12.19 3.37
N GLY B 155 6.27 -11.63 4.31
CA GLY B 155 7.59 -11.07 4.01
C GLY B 155 7.99 -10.00 5.02
N LYS B 156 8.93 -9.17 4.59
CA LYS B 156 9.51 -8.08 5.39
C LYS B 156 8.80 -6.79 5.07
N PRO B 157 8.00 -6.26 6.03
CA PRO B 157 7.29 -4.99 5.75
C PRO B 157 8.18 -3.74 5.74
N LEU B 158 7.91 -2.87 4.77
CA LEU B 158 8.51 -1.55 4.73
C LEU B 158 8.27 -0.80 6.05
N PHE B 159 7.02 -0.84 6.55
CA PHE B 159 6.63 -0.14 7.80
C PHE B 159 6.34 -1.14 8.89
N ILE B 160 7.26 -1.26 9.83
CA ILE B 160 7.21 -2.28 10.85
C ILE B 160 7.76 -1.63 12.15
N ASP B 161 7.03 -1.81 13.25
CA ASP B 161 7.33 -1.23 14.60
C ASP B 161 7.33 0.34 14.68
N VAL B 162 6.32 0.92 14.04
CA VAL B 162 6.08 2.37 13.97
C VAL B 162 5.24 2.82 15.18
N LYS B 163 5.80 3.77 15.93
CA LYS B 163 5.25 4.15 17.22
C LYS B 163 4.25 5.30 17.14
N GLN B 164 4.25 6.04 16.03
CA GLN B 164 3.29 7.14 15.78
C GLN B 164 2.92 7.22 14.30
N ARG B 165 1.77 7.80 14.01
CA ARG B 165 1.41 8.17 12.67
C ARG B 165 2.53 8.99 12.03
N ILE B 166 2.87 8.65 10.80
CA ILE B 166 3.72 9.48 9.94
C ILE B 166 2.80 10.03 8.85
N ASN B 167 2.76 11.36 8.71
CA ASN B 167 2.02 11.98 7.62
C ASN B 167 2.97 12.37 6.51
N LEU B 168 2.56 12.10 5.27
CA LEU B 168 3.42 12.29 4.09
C LEU B 168 2.78 13.26 3.11
N LYS B 169 3.60 13.93 2.28
CA LYS B 169 3.10 14.73 1.16
C LYS B 169 3.39 13.97 -0.12
N MSE B 170 2.36 13.59 -0.87
CA MSE B 170 2.53 12.91 -2.14
C MSE B 170 2.89 13.98 -3.17
O MSE B 170 2.21 15.00 -3.23
CB MSE B 170 1.23 12.16 -2.55
CG MSE B 170 1.35 11.37 -3.87
SE MSE B 170 1.10 12.39 -5.51
CE MSE B 170 -0.88 12.61 -5.39
N VAL B 171 3.97 13.72 -3.95
CA VAL B 171 4.51 14.70 -4.91
C VAL B 171 4.48 14.20 -6.38
N ASN B 172 4.50 12.87 -6.56
CA ASN B 172 4.50 12.26 -7.88
C ASN B 172 3.76 10.92 -7.83
N THR B 173 3.03 10.64 -8.90
CA THR B 173 2.41 9.35 -9.12
C THR B 173 2.68 8.97 -10.60
N ARG B 174 3.43 7.90 -10.84
CA ARG B 174 3.70 7.40 -12.18
C ARG B 174 3.18 5.97 -12.34
N THR B 175 2.60 5.65 -13.48
CA THR B 175 2.09 4.31 -13.76
C THR B 175 2.93 3.63 -14.87
N PHE B 176 2.95 2.29 -14.87
CA PHE B 176 3.71 1.55 -15.85
C PHE B 176 2.81 0.54 -16.50
N SER B 177 3.24 0.06 -17.66
CA SER B 177 2.45 -0.90 -18.44
C SER B 177 2.36 -2.27 -17.74
N SER B 178 3.24 -2.49 -16.77
CA SER B 178 3.24 -3.68 -15.91
C SER B 178 2.21 -3.62 -14.80
N GLY B 179 1.54 -2.47 -14.63
CA GLY B 179 0.59 -2.22 -13.54
C GLY B 179 1.24 -1.70 -12.26
N VAL B 180 2.58 -1.66 -12.24
CA VAL B 180 3.30 -1.01 -11.20
C VAL B 180 2.92 0.49 -11.14
N VAL B 181 2.79 1.01 -9.91
CA VAL B 181 2.53 2.42 -9.64
C VAL B 181 3.54 2.91 -8.65
N GLN B 182 4.38 3.85 -9.10
CA GLN B 182 5.33 4.53 -8.26
C GLN B 182 4.71 5.84 -7.72
N ILE B 183 4.53 5.89 -6.41
CA ILE B 183 4.12 7.14 -5.75
C ILE B 183 5.28 7.64 -4.90
N VAL B 184 5.62 8.90 -5.11
CA VAL B 184 6.70 9.52 -4.40
C VAL B 184 6.12 10.42 -3.30
N TYR B 185 6.62 10.23 -2.07
CA TYR B 185 6.18 10.94 -0.83
C TYR B 185 7.36 11.69 -0.20
N HIS B 186 7.06 12.87 0.37
CA HIS B 186 7.98 13.63 1.19
C HIS B 186 7.52 13.58 2.62
N TRP B 187 8.50 13.28 3.51
CA TRP B 187 8.31 13.41 4.97
CA TRP B 187 8.32 13.36 4.94
C TRP B 187 8.83 14.76 5.34
N ASN B 188 7.88 15.65 5.68
CA ASN B 188 8.12 17.11 5.85
C ASN B 188 8.14 17.54 7.32
CL CL C . -19.33 -6.95 10.36
P PO4 D . -14.43 -5.94 12.88
O1 PO4 D . -12.97 -6.27 12.66
O2 PO4 D . -14.80 -6.20 14.32
O3 PO4 D . -14.65 -4.50 12.51
O4 PO4 D . -15.29 -6.80 12.03
C1 EDO E . -14.02 -1.73 7.02
O1 EDO E . -14.89 -0.67 7.46
C2 EDO E . -13.14 -1.19 5.91
O2 EDO E . -13.89 -0.28 5.08
C1 EDO F . -10.77 -6.95 15.61
O1 EDO F . -11.58 -8.13 15.82
C2 EDO F . -11.01 -5.92 16.72
O2 EDO F . -12.27 -5.26 16.55
C1 EDO G . -0.21 0.71 0.09
O1 EDO G . -1.43 0.16 0.70
C2 EDO G . 0.67 -0.34 -0.62
O2 EDO G . 2.10 -0.35 -0.28
P PO4 H . 17.44 -7.98 7.25
O1 PO4 H . 18.13 -6.63 7.30
O2 PO4 H . 18.20 -8.91 8.18
O3 PO4 H . 15.97 -7.91 7.65
O4 PO4 H . 17.51 -8.52 5.84
C1 EDO I . 15.93 -4.67 -0.01
O1 EDO I . 15.82 -4.21 1.34
C2 EDO I . 15.98 -3.46 -0.93
O2 EDO I . 14.75 -2.73 -0.82
#